data_5V41
#
_entry.id   5V41
#
_cell.length_a   88.906
_cell.length_b   109.725
_cell.length_c   57.359
_cell.angle_alpha   90.000
_cell.angle_beta   90.000
_cell.angle_gamma   90.000
#
_symmetry.space_group_name_H-M   'P 21 21 2'
#
loop_
_entity.id
_entity.type
_entity.pdbx_description
1 polymer 'Polyketide synthase Pks13 (Termination polyketide synthase)'
2 non-polymer 'ethyl 5-hydroxy-4-(morpholin-4-ylmethyl)-2-phenyl-1-benzofuran-3-carboxylate'
3 water water
#
_entity_poly.entity_id   1
_entity_poly.type   'polypeptide(L)'
_entity_poly.pdbx_seq_one_letter_code
;SNAQIDGFVRTLRARPEAGGKVPVFVFHPAGGSTVVYEPLLGRLPADTPMYGFERVEGSIEERAQQYVPKLIEMQGDGPY
VLVGWSLGGVLAYACAIGLRRLGKDVRFVGLIDAVRAGEEIPQTKEEIRKRWDRYAAFAEKTFNVTIPAIPYEQLEELDD
EGQVRFVLDAVSQSGVQIPAGIIEHQRTSYLDNRAIDTAQIQPYDGHVTLYMADRYHDDAIMFEPRYAVRQPDGGWGEYV
SDLEVVPIGGEHIQAIDEPIIAKVGEHMSRALGQIEADRTSEVGKQ
;
_entity_poly.pdbx_strand_id   A,B
#
# COMPACT_ATOMS: atom_id res chain seq x y z
N ASP A 6 29.12 -17.97 -15.82
CA ASP A 6 28.99 -16.55 -16.14
C ASP A 6 27.81 -16.31 -17.09
N GLY A 7 28.10 -15.82 -18.30
CA GLY A 7 27.05 -15.46 -19.24
C GLY A 7 26.27 -14.27 -18.73
N PHE A 8 24.95 -14.43 -18.56
CA PHE A 8 24.22 -13.37 -17.89
C PHE A 8 23.85 -13.73 -16.44
N VAL A 9 24.46 -14.78 -15.93
CA VAL A 9 24.24 -15.21 -14.55
C VAL A 9 25.45 -14.94 -13.65
N ARG A 10 25.24 -14.12 -12.62
CA ARG A 10 26.28 -13.82 -11.65
C ARG A 10 26.05 -14.61 -10.36
N THR A 11 27.09 -15.29 -9.89
CA THR A 11 26.98 -16.02 -8.64
C THR A 11 27.35 -15.09 -7.48
N LEU A 12 26.36 -14.73 -6.67
CA LEU A 12 26.62 -13.89 -5.51
C LEU A 12 26.95 -14.76 -4.31
N ARG A 13 26.21 -15.86 -4.15
CA ARG A 13 26.59 -16.92 -3.22
C ARG A 13 26.22 -18.27 -3.79
N ALA A 14 27.22 -19.11 -4.01
CA ALA A 14 26.99 -20.40 -4.64
C ALA A 14 26.26 -21.36 -3.71
N ARG A 15 25.32 -22.12 -4.28
CA ARG A 15 24.66 -23.21 -3.57
C ARG A 15 25.66 -24.34 -3.39
N PRO A 16 25.46 -25.18 -2.36
CA PRO A 16 26.35 -26.33 -2.21
C PRO A 16 26.16 -27.35 -3.35
N GLU A 17 27.08 -28.31 -3.47
CA GLU A 17 27.04 -29.26 -4.58
C GLU A 17 25.74 -30.05 -4.64
N ALA A 18 25.22 -30.40 -3.47
CA ALA A 18 23.94 -31.11 -3.37
C ALA A 18 23.12 -30.57 -2.20
N GLY A 19 21.81 -30.52 -2.38
CA GLY A 19 20.90 -30.00 -1.36
C GLY A 19 21.17 -28.54 -1.01
N GLY A 20 20.93 -28.18 0.25
CA GLY A 20 21.09 -26.80 0.67
C GLY A 20 19.76 -26.06 0.67
N LYS A 21 19.78 -24.78 1.00
CA LYS A 21 18.54 -24.02 1.05
C LYS A 21 18.10 -23.58 -0.34
N VAL A 22 16.85 -23.16 -0.44
CA VAL A 22 16.33 -22.64 -1.70
C VAL A 22 17.05 -21.35 -2.08
N PRO A 23 17.59 -21.30 -3.30
CA PRO A 23 18.31 -20.09 -3.74
C PRO A 23 17.39 -18.92 -4.07
N VAL A 24 17.89 -17.70 -3.86
CA VAL A 24 17.18 -16.49 -4.24
C VAL A 24 17.70 -16.00 -5.58
N PHE A 25 16.80 -15.85 -6.55
CA PHE A 25 17.19 -15.31 -7.84
C PHE A 25 16.85 -13.84 -7.90
N VAL A 26 17.87 -13.00 -8.06
CA VAL A 26 17.68 -11.55 -8.18
C VAL A 26 17.94 -11.08 -9.62
N PHE A 27 17.29 -10.00 -10.02
CA PHE A 27 17.37 -9.50 -11.40
C PHE A 27 17.82 -8.06 -11.41
N HIS A 28 18.69 -7.72 -12.37
CA HIS A 28 19.36 -6.42 -12.40
C HIS A 28 18.35 -5.28 -12.48
N PRO A 29 18.72 -4.12 -11.95
CA PRO A 29 17.93 -2.88 -12.04
C PRO A 29 18.25 -2.09 -13.31
N ALA A 30 17.43 -1.09 -13.61
CA ALA A 30 17.72 -0.20 -14.73
C ALA A 30 19.08 0.47 -14.58
N GLY A 31 19.94 0.29 -15.59
CA GLY A 31 21.25 0.87 -15.59
C GLY A 31 22.23 0.31 -14.57
N GLY A 32 21.98 -0.91 -14.10
CA GLY A 32 22.84 -1.49 -13.09
C GLY A 32 23.04 -2.99 -13.21
N SER A 33 23.91 -3.53 -12.36
CA SER A 33 24.12 -4.97 -12.28
C SER A 33 23.60 -5.50 -10.95
N THR A 34 23.61 -6.82 -10.81
CA THR A 34 23.08 -7.44 -9.61
C THR A 34 24.00 -7.34 -8.39
N VAL A 35 25.16 -6.67 -8.52
CA VAL A 35 25.98 -6.39 -7.34
C VAL A 35 25.23 -5.58 -6.29
N VAL A 36 24.19 -4.87 -6.73
CA VAL A 36 23.41 -4.04 -5.81
C VAL A 36 22.64 -4.86 -4.78
N TYR A 37 22.57 -6.17 -4.98
CA TYR A 37 21.83 -7.03 -4.06
C TYR A 37 22.68 -7.59 -2.94
N GLU A 38 23.94 -7.19 -2.88
CA GLU A 38 24.83 -7.63 -1.80
C GLU A 38 24.37 -7.20 -0.40
N PRO A 39 23.88 -5.94 -0.26
CA PRO A 39 23.35 -5.63 1.09
C PRO A 39 22.16 -6.51 1.48
N LEU A 40 21.27 -6.80 0.53
CA LEU A 40 20.13 -7.69 0.77
C LEU A 40 20.62 -9.07 1.17
N LEU A 41 21.65 -9.54 0.47
CA LEU A 41 22.23 -10.86 0.75
C LEU A 41 22.70 -10.93 2.20
N GLY A 42 23.29 -9.84 2.70
CA GLY A 42 23.74 -9.80 4.08
C GLY A 42 22.62 -9.81 5.11
N ARG A 43 21.40 -9.56 4.66
CA ARG A 43 20.26 -9.54 5.57
C ARG A 43 19.36 -10.76 5.42
N LEU A 44 19.80 -11.70 4.58
CA LEU A 44 19.08 -12.96 4.40
C LEU A 44 19.73 -14.05 5.25
N PRO A 45 19.02 -15.17 5.48
CA PRO A 45 19.61 -16.19 6.37
C PRO A 45 20.93 -16.72 5.88
N ALA A 46 21.74 -17.25 6.80
CA ALA A 46 23.04 -17.81 6.46
C ALA A 46 22.87 -18.95 5.47
N ASP A 47 23.81 -19.01 4.53
CA ASP A 47 23.85 -20.06 3.52
C ASP A 47 22.65 -20.01 2.57
N THR A 48 22.04 -18.85 2.45
CA THR A 48 21.06 -18.62 1.38
C THR A 48 21.80 -18.39 0.08
N PRO A 49 21.68 -19.32 -0.90
CA PRO A 49 22.34 -19.08 -2.18
C PRO A 49 21.65 -17.97 -2.94
N MET A 50 22.39 -17.21 -3.74
CA MET A 50 21.81 -16.13 -4.54
C MET A 50 22.47 -16.07 -5.91
N TYR A 51 21.64 -16.00 -6.95
CA TYR A 51 22.14 -15.87 -8.31
C TYR A 51 21.50 -14.69 -8.99
N GLY A 52 22.33 -13.89 -9.67
CA GLY A 52 21.83 -12.67 -10.28
C GLY A 52 21.79 -12.77 -11.79
N PHE A 53 20.66 -12.36 -12.35
CA PHE A 53 20.49 -12.38 -13.80
C PHE A 53 20.71 -10.99 -14.36
N GLU A 54 21.69 -10.86 -15.25
CA GLU A 54 22.09 -9.57 -15.79
C GLU A 54 21.35 -9.26 -17.08
N ARG A 55 21.66 -8.12 -17.68
CA ARG A 55 20.91 -7.61 -18.82
C ARG A 55 20.98 -8.49 -20.06
N VAL A 56 19.81 -8.69 -20.69
CA VAL A 56 19.72 -9.24 -22.03
C VAL A 56 18.79 -8.34 -22.83
N GLU A 57 18.70 -8.58 -24.13
CA GLU A 57 17.99 -7.66 -25.03
C GLU A 57 16.55 -8.07 -25.33
N GLY A 58 15.69 -7.09 -25.61
CA GLY A 58 14.35 -7.37 -26.09
C GLY A 58 13.23 -6.85 -25.22
N SER A 59 11.99 -7.17 -25.58
CA SER A 59 10.84 -6.89 -24.73
C SER A 59 10.92 -7.71 -23.46
N ILE A 60 10.14 -7.34 -22.45
CA ILE A 60 10.14 -8.04 -21.17
C ILE A 60 9.87 -9.53 -21.36
N GLU A 61 8.89 -9.85 -22.19
CA GLU A 61 8.58 -11.24 -22.50
C GLU A 61 9.75 -11.92 -23.22
N GLU A 62 10.39 -11.20 -24.14
CA GLU A 62 11.56 -11.69 -24.85
C GLU A 62 12.74 -11.92 -23.90
N ARG A 63 12.90 -11.03 -22.91
CA ARG A 63 13.97 -11.20 -21.94
C ARG A 63 13.68 -12.41 -21.07
N ALA A 64 12.40 -12.57 -20.69
CA ALA A 64 11.99 -13.71 -19.87
C ALA A 64 12.13 -15.03 -20.61
N GLN A 65 11.92 -15.01 -21.92
CA GLN A 65 12.12 -16.19 -22.75
C GLN A 65 13.57 -16.69 -22.70
N GLN A 66 14.52 -15.79 -22.42
CA GLN A 66 15.91 -16.19 -22.25
C GLN A 66 16.19 -16.64 -20.81
N TYR A 67 15.61 -15.93 -19.85
CA TYR A 67 15.86 -16.21 -18.44
C TYR A 67 15.27 -17.55 -17.97
N VAL A 68 14.01 -17.79 -18.30
CA VAL A 68 13.29 -18.95 -17.77
C VAL A 68 13.97 -20.30 -18.07
N PRO A 69 14.45 -20.53 -19.31
CA PRO A 69 15.15 -21.80 -19.54
C PRO A 69 16.38 -21.98 -18.66
N LYS A 70 17.08 -20.88 -18.38
CA LYS A 70 18.25 -20.94 -17.52
C LYS A 70 17.82 -21.19 -16.08
N LEU A 71 16.69 -20.61 -15.69
CA LEU A 71 16.16 -20.82 -14.35
C LEU A 71 15.86 -22.30 -14.12
N ILE A 72 15.22 -22.91 -15.10
CA ILE A 72 14.83 -24.32 -15.01
C ILE A 72 16.08 -25.21 -15.04
N GLU A 73 17.05 -24.84 -15.86
CA GLU A 73 18.35 -25.52 -15.87
C GLU A 73 18.97 -25.55 -14.47
N MET A 74 18.76 -24.49 -13.72
CA MET A 74 19.41 -24.31 -12.43
C MET A 74 18.61 -24.84 -11.25
N GLN A 75 17.28 -24.80 -11.36
CA GLN A 75 16.44 -25.10 -10.20
C GLN A 75 15.33 -26.09 -10.53
N GLY A 76 15.24 -26.49 -11.80
CA GLY A 76 14.29 -27.51 -12.20
C GLY A 76 12.83 -27.20 -11.88
N ASP A 77 12.20 -28.10 -11.13
CA ASP A 77 10.78 -27.98 -10.76
C ASP A 77 10.51 -26.83 -9.80
N GLY A 78 11.53 -26.45 -9.04
CA GLY A 78 11.37 -25.45 -8.01
C GLY A 78 11.86 -25.94 -6.67
N PRO A 79 11.57 -25.20 -5.60
CA PRO A 79 10.74 -23.98 -5.63
C PRO A 79 11.50 -22.72 -6.03
N TYR A 80 10.80 -21.78 -6.66
CA TYR A 80 11.42 -20.56 -7.17
C TYR A 80 11.14 -19.34 -6.30
N VAL A 81 12.22 -18.64 -5.96
CA VAL A 81 12.17 -17.39 -5.23
C VAL A 81 12.74 -16.33 -6.16
N LEU A 82 11.89 -15.42 -6.59
CA LEU A 82 12.25 -14.42 -7.60
C LEU A 82 12.16 -13.01 -7.01
N VAL A 83 13.23 -12.23 -7.14
CA VAL A 83 13.31 -10.93 -6.46
C VAL A 83 13.88 -9.86 -7.37
N GLY A 84 13.33 -8.66 -7.32
CA GLY A 84 13.91 -7.58 -8.08
C GLY A 84 13.54 -6.17 -7.67
N TRP A 85 14.57 -5.33 -7.64
CA TRP A 85 14.45 -3.90 -7.43
C TRP A 85 14.42 -3.25 -8.81
N SER A 86 13.65 -2.17 -8.94
CA SER A 86 13.57 -1.43 -10.21
C SER A 86 13.05 -2.30 -11.35
N LEU A 87 13.75 -2.27 -12.48
CA LEU A 87 13.39 -3.11 -13.64
C LEU A 87 13.42 -4.58 -13.24
N GLY A 88 14.31 -4.92 -12.31
CA GLY A 88 14.46 -6.30 -11.86
C GLY A 88 13.16 -6.87 -11.33
N GLY A 89 12.35 -6.04 -10.68
CA GLY A 89 11.06 -6.49 -10.20
C GLY A 89 10.14 -6.93 -11.32
N VAL A 90 10.07 -6.14 -12.37
CA VAL A 90 9.26 -6.49 -13.54
C VAL A 90 9.76 -7.77 -14.16
N LEU A 91 11.08 -7.92 -14.21
CA LEU A 91 11.72 -9.10 -14.78
C LEU A 91 11.41 -10.35 -13.95
N ALA A 92 11.48 -10.20 -12.63
CA ALA A 92 11.15 -11.29 -11.72
C ALA A 92 9.72 -11.76 -11.92
N TYR A 93 8.81 -10.79 -12.06
CA TYR A 93 7.39 -11.06 -12.27
C TYR A 93 7.15 -11.76 -13.60
N ALA A 94 7.81 -11.26 -14.66
CA ALA A 94 7.70 -11.89 -15.97
C ALA A 94 8.15 -13.35 -15.93
N CYS A 95 9.23 -13.62 -15.21
CA CYS A 95 9.73 -14.99 -15.09
C CYS A 95 8.76 -15.88 -14.31
N ALA A 96 8.12 -15.31 -13.29
CA ALA A 96 7.14 -16.05 -12.50
C ALA A 96 5.98 -16.53 -13.35
N ILE A 97 5.49 -15.63 -14.20
CA ILE A 97 4.41 -15.97 -15.12
C ILE A 97 4.88 -17.08 -16.06
N GLY A 98 6.07 -16.91 -16.60
CA GLY A 98 6.63 -17.93 -17.48
C GLY A 98 6.79 -19.28 -16.81
N LEU A 99 7.33 -19.28 -15.59
CA LEU A 99 7.58 -20.52 -14.88
C LEU A 99 6.30 -21.24 -14.48
N ARG A 100 5.33 -20.47 -13.99
CA ARG A 100 4.04 -21.03 -13.57
C ARG A 100 3.32 -21.64 -14.78
N ARG A 101 3.47 -21.00 -15.93
CA ARG A 101 2.86 -21.44 -17.18
C ARG A 101 3.43 -22.80 -17.63
N LEU A 102 4.67 -23.07 -17.23
CA LEU A 102 5.30 -24.35 -17.54
C LEU A 102 5.16 -25.33 -16.38
N GLY A 103 4.28 -25.02 -15.44
CA GLY A 103 3.97 -25.90 -14.34
C GLY A 103 4.99 -25.95 -13.22
N LYS A 104 5.86 -24.93 -13.13
CA LYS A 104 6.87 -24.91 -12.08
C LYS A 104 6.29 -24.35 -10.78
N ASP A 105 6.97 -24.62 -9.66
CA ASP A 105 6.51 -24.20 -8.35
C ASP A 105 7.15 -22.86 -7.91
N VAL A 106 6.42 -21.76 -8.12
CA VAL A 106 6.89 -20.45 -7.68
C VAL A 106 6.25 -20.07 -6.35
N ARG A 107 7.08 -19.83 -5.33
CA ARG A 107 6.56 -19.59 -3.98
C ARG A 107 6.77 -18.17 -3.46
N PHE A 108 7.59 -17.39 -4.15
CA PHE A 108 7.85 -16.02 -3.70
C PHE A 108 8.33 -15.13 -4.83
N VAL A 109 7.60 -14.04 -5.03
CA VAL A 109 8.01 -12.98 -5.93
C VAL A 109 8.14 -11.70 -5.13
N GLY A 110 9.35 -11.15 -5.09
CA GLY A 110 9.61 -9.97 -4.31
C GLY A 110 9.91 -8.75 -5.16
N LEU A 111 8.99 -7.79 -5.16
CA LEU A 111 9.19 -6.55 -5.88
C LEU A 111 9.70 -5.48 -4.92
N ILE A 112 10.94 -5.05 -5.10
CA ILE A 112 11.48 -3.99 -4.26
C ILE A 112 11.22 -2.64 -4.95
N ASP A 113 10.16 -1.97 -4.52
CA ASP A 113 9.69 -0.70 -5.07
C ASP A 113 9.61 -0.64 -6.59
N ALA A 114 9.16 -1.73 -7.21
CA ALA A 114 8.93 -1.71 -8.64
C ALA A 114 7.54 -1.15 -8.93
N VAL A 115 7.39 0.16 -8.75
CA VAL A 115 6.06 0.80 -8.76
C VAL A 115 5.67 1.34 -10.13
N ARG A 116 4.46 0.99 -10.58
CA ARG A 116 3.96 1.52 -11.85
C ARG A 116 3.70 3.01 -11.74
N ALA A 117 3.74 3.72 -12.86
CA ALA A 117 3.38 5.15 -12.82
C ALA A 117 1.93 5.27 -12.38
N GLY A 118 1.62 6.33 -11.64
CA GLY A 118 0.29 6.50 -11.07
C GLY A 118 -0.77 6.66 -12.13
N GLU A 119 -0.36 7.06 -13.33
CA GLU A 119 -1.25 7.16 -14.47
C GLU A 119 -0.60 6.36 -15.58
N GLU A 120 -1.40 5.63 -16.35
CA GLU A 120 -0.86 4.76 -17.40
C GLU A 120 -0.09 5.54 -18.46
N ILE A 121 0.98 4.95 -18.97
CA ILE A 121 1.82 5.62 -19.97
C ILE A 121 1.47 5.16 -21.38
N PRO A 122 0.90 6.06 -22.19
CA PRO A 122 0.49 5.75 -23.57
C PRO A 122 1.66 5.32 -24.46
N GLN A 123 1.46 4.27 -25.25
CA GLN A 123 2.43 3.88 -26.27
C GLN A 123 1.94 4.37 -27.63
N THR A 124 1.91 5.69 -27.79
CA THR A 124 1.37 6.33 -28.98
C THR A 124 2.40 7.23 -29.64
N LYS A 125 2.11 7.65 -30.88
CA LYS A 125 3.02 8.53 -31.60
C LYS A 125 3.06 9.89 -30.92
N GLU A 126 1.91 10.31 -30.39
CA GLU A 126 1.80 11.59 -29.72
C GLU A 126 2.69 11.63 -28.48
N GLU A 127 2.74 10.51 -27.75
CA GLU A 127 3.58 10.42 -26.57
C GLU A 127 5.05 10.46 -26.96
N ILE A 128 5.37 9.84 -28.09
CA ILE A 128 6.74 9.90 -28.62
C ILE A 128 7.14 11.35 -28.88
N ARG A 129 6.25 12.12 -29.51
CA ARG A 129 6.53 13.53 -29.76
C ARG A 129 6.73 14.29 -28.46
N LYS A 130 5.83 14.07 -27.49
CA LYS A 130 5.93 14.74 -26.20
C LYS A 130 7.19 14.38 -25.44
N ARG A 131 7.63 13.14 -25.57
CA ARG A 131 8.81 12.66 -24.86
C ARG A 131 10.07 13.36 -25.36
N TRP A 132 10.23 13.40 -26.66
CA TRP A 132 11.44 14.00 -27.24
C TRP A 132 11.39 15.52 -27.19
N ASP A 133 10.19 16.10 -27.23
CA ASP A 133 10.07 17.53 -26.94
C ASP A 133 10.62 17.82 -25.54
N ARG A 134 10.21 17.00 -24.57
CA ARG A 134 10.65 17.17 -23.18
C ARG A 134 12.15 17.00 -23.04
N TYR A 135 12.70 15.97 -23.69
CA TYR A 135 14.13 15.69 -23.60
C TYR A 135 14.95 16.81 -24.24
N ALA A 136 14.45 17.33 -25.36
CA ALA A 136 15.13 18.40 -26.06
C ALA A 136 15.29 19.63 -25.18
N ALA A 137 14.22 19.95 -24.46
CA ALA A 137 14.20 21.15 -23.62
C ALA A 137 15.22 21.05 -22.51
N PHE A 138 15.33 19.87 -21.92
CA PHE A 138 16.33 19.66 -20.87
C PHE A 138 17.73 19.75 -21.46
N ALA A 139 17.90 19.26 -22.67
CA ALA A 139 19.19 19.28 -23.35
C ALA A 139 19.62 20.72 -23.61
N GLU A 140 18.65 21.57 -23.99
CA GLU A 140 18.93 22.98 -24.24
C GLU A 140 19.50 23.64 -22.99
N LYS A 141 18.89 23.34 -21.85
CA LYS A 141 19.27 23.98 -20.59
C LYS A 141 20.60 23.50 -20.01
N THR A 142 20.87 22.21 -20.06
CA THR A 142 22.08 21.67 -19.42
C THR A 142 23.30 21.71 -20.33
N PHE A 143 23.09 21.94 -21.62
CA PHE A 143 24.21 22.00 -22.57
C PHE A 143 24.29 23.34 -23.29
N ASN A 144 23.39 24.26 -22.96
CA ASN A 144 23.41 25.61 -23.54
C ASN A 144 23.41 25.62 -25.07
N VAL A 145 22.38 25.02 -25.67
CA VAL A 145 22.28 24.92 -27.12
C VAL A 145 20.83 25.05 -27.59
N PRO A 148 16.92 23.15 -32.29
CA PRO A 148 16.62 22.79 -33.67
C PRO A 148 15.34 21.97 -33.79
N ALA A 149 14.80 21.87 -35.00
CA ALA A 149 13.57 21.15 -35.24
C ALA A 149 13.76 19.66 -34.94
N ILE A 150 12.71 19.01 -34.46
CA ILE A 150 12.77 17.58 -34.17
C ILE A 150 12.10 16.80 -35.29
N PRO A 151 12.85 15.88 -35.91
CA PRO A 151 12.27 15.11 -37.02
C PRO A 151 11.31 14.06 -36.49
N TYR A 152 10.07 14.47 -36.20
CA TYR A 152 9.13 13.58 -35.53
C TYR A 152 8.74 12.39 -36.39
N GLU A 153 8.65 12.62 -37.70
CA GLU A 153 8.17 11.60 -38.62
C GLU A 153 9.07 10.37 -38.63
N GLN A 154 10.38 10.60 -38.61
CA GLN A 154 11.34 9.49 -38.59
C GLN A 154 11.34 8.79 -37.23
N LEU A 155 11.37 9.57 -36.15
CA LEU A 155 11.31 9.02 -34.79
C LEU A 155 10.09 8.13 -34.55
N GLU A 156 8.93 8.59 -35.02
CA GLU A 156 7.65 7.90 -34.78
C GLU A 156 7.60 6.49 -35.35
N GLU A 157 8.45 6.22 -36.33
CA GLU A 157 8.42 4.91 -36.97
C GLU A 157 9.33 3.93 -36.26
N LEU A 158 10.25 4.45 -35.45
CA LEU A 158 11.24 3.63 -34.77
C LEU A 158 10.76 3.18 -33.39
N ASP A 159 11.26 2.03 -32.94
CA ASP A 159 11.11 1.62 -31.54
C ASP A 159 12.15 2.35 -30.68
N ASP A 160 12.12 2.10 -29.37
CA ASP A 160 13.02 2.80 -28.46
C ASP A 160 14.51 2.67 -28.80
N GLU A 161 14.96 1.46 -29.11
CA GLU A 161 16.36 1.24 -29.49
C GLU A 161 16.67 1.99 -30.79
N GLY A 162 15.79 1.88 -31.78
CA GLY A 162 15.95 2.64 -33.00
C GLY A 162 15.97 4.15 -32.75
N GLN A 163 15.09 4.62 -31.88
CA GLN A 163 15.02 6.03 -31.51
C GLN A 163 16.34 6.56 -30.95
N VAL A 164 16.91 5.86 -29.96
CA VAL A 164 18.12 6.37 -29.31
C VAL A 164 19.30 6.28 -30.25
N ARG A 165 19.32 5.23 -31.06
CA ARG A 165 20.36 5.05 -32.05
C ARG A 165 20.31 6.20 -33.05
N PHE A 166 19.10 6.59 -33.44
CA PHE A 166 18.92 7.69 -34.37
C PHE A 166 19.40 9.01 -33.79
N VAL A 167 19.01 9.28 -32.55
CA VAL A 167 19.39 10.52 -31.87
C VAL A 167 20.91 10.57 -31.63
N LEU A 168 21.49 9.45 -31.20
CA LEU A 168 22.93 9.36 -30.99
C LEU A 168 23.72 9.61 -32.29
N ASP A 169 23.28 8.99 -33.39
CA ASP A 169 23.91 9.19 -34.69
C ASP A 169 23.89 10.66 -35.08
N ALA A 170 22.72 11.26 -34.99
CA ALA A 170 22.54 12.66 -35.34
C ALA A 170 23.41 13.58 -34.49
N VAL A 171 23.61 13.20 -33.24
CA VAL A 171 24.42 13.99 -32.32
C VAL A 171 25.89 14.02 -32.75
N SER A 172 26.43 12.86 -33.13
CA SER A 172 27.85 12.77 -33.48
C SER A 172 28.15 13.71 -34.64
N GLN A 173 27.21 13.82 -35.57
CA GLN A 173 27.27 14.86 -36.59
C GLN A 173 27.15 16.20 -35.88
N SER A 174 28.28 16.84 -35.61
CA SER A 174 28.31 18.08 -34.84
C SER A 174 27.60 19.23 -35.53
N VAL A 176 29.05 16.26 -29.31
CA VAL A 176 29.22 15.58 -30.60
C VAL A 176 30.24 14.46 -30.51
N GLN A 177 31.28 14.68 -29.71
CA GLN A 177 32.28 13.66 -29.49
C GLN A 177 32.15 13.16 -28.06
N ILE A 178 31.45 12.05 -27.87
CA ILE A 178 31.24 11.50 -26.53
C ILE A 178 31.88 10.13 -26.37
N PRO A 179 32.69 9.95 -25.30
CA PRO A 179 33.39 8.68 -25.08
C PRO A 179 32.41 7.51 -24.98
N ALA A 180 32.78 6.40 -25.63
CA ALA A 180 31.87 5.27 -25.81
C ALA A 180 31.24 4.75 -24.52
N GLY A 181 32.01 4.74 -23.44
CA GLY A 181 31.53 4.18 -22.18
C GLY A 181 30.40 4.99 -21.58
N ILE A 182 30.46 6.31 -21.76
CA ILE A 182 29.39 7.18 -21.26
C ILE A 182 28.14 7.03 -22.11
N ILE A 183 28.31 7.02 -23.42
CA ILE A 183 27.18 6.80 -24.34
C ILE A 183 26.49 5.49 -24.04
N GLU A 184 27.27 4.41 -23.95
CA GLU A 184 26.69 3.09 -23.77
C GLU A 184 25.98 2.95 -22.43
N HIS A 185 26.52 3.56 -21.38
CA HIS A 185 25.84 3.50 -20.09
C HIS A 185 24.55 4.31 -20.09
N GLN A 186 24.55 5.46 -20.77
CA GLN A 186 23.34 6.26 -20.85
C GLN A 186 22.31 5.54 -21.73
N ARG A 187 22.80 4.89 -22.78
CA ARG A 187 21.94 4.16 -23.70
C ARG A 187 21.22 3.00 -23.01
N THR A 188 21.95 2.17 -22.28
CA THR A 188 21.36 1.00 -21.65
C THR A 188 20.48 1.39 -20.48
N SER A 189 20.89 2.41 -19.73
CA SER A 189 20.07 2.94 -18.65
C SER A 189 18.75 3.49 -19.20
N TYR A 190 18.83 4.22 -20.29
CA TYR A 190 17.62 4.76 -20.91
C TYR A 190 16.66 3.65 -21.34
N LEU A 191 17.19 2.68 -22.10
CA LEU A 191 16.37 1.59 -22.63
C LEU A 191 15.78 0.71 -21.52
N ASP A 192 16.55 0.46 -20.46
CA ASP A 192 16.05 -0.29 -19.33
C ASP A 192 14.88 0.43 -18.67
N ASN A 193 15.00 1.74 -18.52
CA ASN A 193 13.93 2.55 -17.96
C ASN A 193 12.67 2.55 -18.85
N ARG A 194 12.88 2.62 -20.16
CA ARG A 194 11.76 2.57 -21.10
C ARG A 194 11.09 1.20 -21.07
N ALA A 195 11.87 0.15 -20.81
CA ALA A 195 11.33 -1.21 -20.70
C ALA A 195 10.32 -1.31 -19.56
N ILE A 196 10.55 -0.56 -18.49
CA ILE A 196 9.61 -0.47 -17.39
C ILE A 196 8.35 0.25 -17.87
N ASP A 197 8.54 1.41 -18.49
CA ASP A 197 7.43 2.22 -19.05
C ASP A 197 6.51 1.46 -19.99
N THR A 198 7.08 0.60 -20.82
CA THR A 198 6.30 -0.10 -21.84
C THR A 198 5.95 -1.52 -21.46
N ALA A 199 6.21 -1.92 -20.23
CA ALA A 199 5.91 -3.30 -19.85
C ALA A 199 4.40 -3.51 -19.89
N GLN A 200 3.96 -4.57 -20.56
CA GLN A 200 2.55 -4.93 -20.56
C GLN A 200 2.30 -6.03 -19.52
N ILE A 201 1.82 -5.63 -18.36
CA ILE A 201 1.71 -6.56 -17.25
C ILE A 201 0.56 -7.55 -17.44
N GLN A 202 0.86 -8.83 -17.23
CA GLN A 202 -0.13 -9.90 -17.35
C GLN A 202 -0.54 -10.35 -15.95
N PRO A 203 -1.73 -10.96 -15.81
CA PRO A 203 -2.12 -11.35 -14.46
C PRO A 203 -1.36 -12.57 -13.95
N TYR A 204 -1.12 -12.61 -12.65
CA TYR A 204 -0.40 -13.70 -12.01
C TYR A 204 -1.15 -14.14 -10.76
N ASP A 205 -1.35 -15.45 -10.61
CA ASP A 205 -2.25 -15.95 -9.59
C ASP A 205 -1.53 -16.45 -8.34
N GLY A 206 -0.25 -16.09 -8.21
CA GLY A 206 0.50 -16.47 -7.04
C GLY A 206 0.72 -15.30 -6.11
N HIS A 207 1.44 -15.54 -5.03
CA HIS A 207 1.68 -14.52 -4.02
C HIS A 207 2.81 -13.58 -4.44
N VAL A 208 2.51 -12.29 -4.43
CA VAL A 208 3.50 -11.27 -4.74
C VAL A 208 3.67 -10.35 -3.52
N THR A 209 4.92 -10.13 -3.12
CA THR A 209 5.20 -9.20 -2.04
C THR A 209 5.81 -7.92 -2.60
N LEU A 210 5.15 -6.80 -2.36
CA LEU A 210 5.66 -5.52 -2.86
C LEU A 210 6.20 -4.67 -1.71
N TYR A 211 7.51 -4.48 -1.70
CA TYR A 211 8.11 -3.58 -0.73
C TYR A 211 8.02 -2.18 -1.32
N MET A 212 7.27 -1.31 -0.64
CA MET A 212 6.88 -0.03 -1.20
C MET A 212 7.45 1.17 -0.48
N ALA A 213 8.24 1.96 -1.20
CA ALA A 213 8.77 3.20 -0.66
C ALA A 213 7.72 4.29 -0.77
N ASP A 214 8.05 5.48 -0.29
CA ASP A 214 7.12 6.60 -0.33
C ASP A 214 6.96 7.17 -1.73
N ARG A 215 8.05 7.30 -2.45
CA ARG A 215 8.04 8.04 -3.71
C ARG A 215 9.24 7.75 -4.59
N TYR A 216 9.08 8.02 -5.88
CA TYR A 216 10.21 8.05 -6.78
C TYR A 216 11.01 9.32 -6.52
N HIS A 217 12.30 9.27 -6.86
CA HIS A 217 13.20 10.40 -6.68
C HIS A 217 12.96 11.47 -7.74
N ASP A 218 13.57 12.63 -7.55
CA ASP A 218 13.27 13.80 -8.39
C ASP A 218 13.65 13.62 -9.86
N ASP A 219 14.81 13.00 -10.09
CA ASP A 219 15.31 12.76 -11.44
C ASP A 219 14.40 11.84 -12.26
N ALA A 220 13.81 10.86 -11.58
CA ALA A 220 12.89 9.94 -12.24
C ALA A 220 11.62 10.66 -12.69
N ILE A 221 11.11 11.50 -11.81
CA ILE A 221 9.90 12.29 -12.07
C ILE A 221 10.12 13.31 -13.20
N MET A 222 11.31 13.91 -13.27
CA MET A 222 11.60 14.86 -14.35
C MET A 222 11.50 14.19 -15.71
N PHE A 223 11.97 12.95 -15.79
CA PHE A 223 11.93 12.19 -17.03
C PHE A 223 10.53 11.76 -17.42
N GLU A 224 9.73 11.36 -16.44
CA GLU A 224 8.34 10.99 -16.67
C GLU A 224 7.49 11.41 -15.50
N PRO A 225 6.87 12.59 -15.60
CA PRO A 225 6.10 13.19 -14.51
C PRO A 225 4.99 12.30 -13.99
N ARG A 226 4.52 11.32 -14.76
CA ARG A 226 3.47 10.42 -14.27
C ARG A 226 3.94 9.52 -13.12
N TYR A 227 5.24 9.46 -12.88
CA TYR A 227 5.75 8.69 -11.74
C TYR A 227 5.72 9.52 -10.46
N ALA A 228 5.22 10.74 -10.56
CA ALA A 228 5.07 11.61 -9.40
C ALA A 228 3.96 11.11 -8.49
N VAL A 229 3.13 10.21 -9.03
CA VAL A 229 1.99 9.69 -8.30
C VAL A 229 2.10 8.19 -8.15
N ARG A 230 1.83 7.69 -6.95
CA ARG A 230 1.76 6.25 -6.70
C ARG A 230 0.39 5.87 -6.19
N GLN A 231 -0.17 4.78 -6.72
CA GLN A 231 -1.37 4.20 -6.14
C GLN A 231 -0.94 3.33 -4.96
N PRO A 232 -1.85 3.11 -4.00
CA PRO A 232 -1.56 2.32 -2.79
C PRO A 232 -1.04 0.92 -3.10
N ASP A 233 -1.60 0.27 -4.12
CA ASP A 233 -1.17 -1.06 -4.54
C ASP A 233 0.01 -1.00 -5.50
N GLY A 234 0.53 0.21 -5.75
CA GLY A 234 1.64 0.38 -6.67
C GLY A 234 1.31 0.01 -8.11
N GLY A 235 0.02 -0.12 -8.40
CA GLY A 235 -0.45 -0.45 -9.74
C GLY A 235 -0.47 -1.94 -10.06
N TRP A 236 -0.32 -2.78 -9.03
CA TRP A 236 -0.23 -4.21 -9.25
C TRP A 236 -1.52 -4.94 -8.88
N GLY A 237 -2.41 -4.26 -8.15
CA GLY A 237 -3.63 -4.87 -7.67
C GLY A 237 -4.52 -5.50 -8.72
N GLU A 238 -4.69 -4.83 -9.87
CA GLU A 238 -5.56 -5.37 -10.91
C GLU A 238 -5.00 -6.65 -11.55
N TYR A 239 -3.69 -6.85 -11.48
CA TYR A 239 -3.11 -8.02 -12.12
C TYR A 239 -2.83 -9.13 -11.12
N VAL A 240 -2.68 -8.76 -9.85
CA VAL A 240 -2.34 -9.71 -8.80
C VAL A 240 -3.38 -9.70 -7.68
N SER A 241 -4.19 -10.74 -7.59
CA SER A 241 -5.17 -10.86 -6.52
C SER A 241 -4.50 -11.14 -5.17
N ASP A 242 -3.52 -12.04 -5.15
CA ASP A 242 -2.82 -12.38 -3.92
C ASP A 242 -1.59 -11.48 -3.73
N LEU A 243 -1.83 -10.24 -3.35
CA LEU A 243 -0.80 -9.22 -3.25
C LEU A 243 -0.64 -8.73 -1.81
N GLU A 244 0.60 -8.73 -1.33
CA GLU A 244 0.92 -8.17 -0.02
C GLU A 244 1.81 -6.93 -0.22
N VAL A 245 1.51 -5.85 0.50
CA VAL A 245 2.34 -4.64 0.41
C VAL A 245 3.07 -4.41 1.73
N VAL A 246 4.38 -4.26 1.64
CA VAL A 246 5.20 -4.01 2.83
C VAL A 246 5.82 -2.62 2.70
N PRO A 247 5.23 -1.63 3.39
CA PRO A 247 5.74 -0.26 3.33
C PRO A 247 7.11 -0.11 3.97
N ILE A 248 8.03 0.58 3.29
CA ILE A 248 9.39 0.72 3.79
C ILE A 248 9.83 2.17 3.88
N GLY A 249 9.01 3.07 3.35
CA GLY A 249 9.32 4.49 3.39
C GLY A 249 10.52 4.89 2.56
N GLY A 250 10.96 6.13 2.73
CA GLY A 250 12.11 6.64 2.00
C GLY A 250 11.86 6.75 0.51
N GLU A 251 12.94 6.90 -0.26
CA GLU A 251 12.83 7.03 -1.71
C GLU A 251 13.19 5.75 -2.47
N HIS A 252 12.75 5.70 -3.72
CA HIS A 252 13.03 4.56 -4.60
C HIS A 252 14.51 4.20 -4.65
N ILE A 253 15.38 5.21 -4.72
CA ILE A 253 16.80 4.98 -4.87
C ILE A 253 17.42 4.44 -3.58
N GLN A 254 16.80 4.75 -2.44
CA GLN A 254 17.29 4.29 -1.14
C GLN A 254 16.85 2.87 -0.77
N ALA A 255 15.85 2.35 -1.50
CA ALA A 255 15.18 1.10 -1.10
C ALA A 255 16.07 -0.14 -1.12
N ILE A 256 17.14 -0.09 -1.93
CA ILE A 256 18.01 -1.23 -2.13
C ILE A 256 19.19 -1.21 -1.16
N ASP A 257 19.39 -0.10 -0.45
CA ASP A 257 20.56 0.03 0.40
C ASP A 257 20.23 0.04 1.89
N GLU A 258 21.25 -0.10 2.72
CA GLU A 258 21.13 0.12 4.16
C GLU A 258 20.76 1.58 4.40
N PRO A 259 19.98 1.86 5.45
CA PRO A 259 19.44 0.88 6.41
C PRO A 259 18.10 0.28 5.99
N ILE A 260 17.48 0.84 4.96
CA ILE A 260 16.13 0.42 4.55
C ILE A 260 16.09 -1.05 4.13
N ILE A 261 17.17 -1.55 3.53
CA ILE A 261 17.19 -2.93 3.05
C ILE A 261 17.08 -3.93 4.21
N ALA A 262 17.41 -3.49 5.42
CA ALA A 262 17.28 -4.36 6.59
C ALA A 262 15.82 -4.72 6.83
N LYS A 263 14.94 -3.75 6.62
CA LYS A 263 13.50 -3.99 6.75
C LYS A 263 13.03 -5.01 5.73
N VAL A 264 13.47 -4.83 4.48
CA VAL A 264 13.16 -5.78 3.42
C VAL A 264 13.69 -7.17 3.76
N GLY A 265 14.95 -7.22 4.19
CA GLY A 265 15.59 -8.47 4.55
C GLY A 265 14.97 -9.24 5.70
N GLU A 266 14.55 -8.51 6.74
CA GLU A 266 13.92 -9.18 7.88
C GLU A 266 12.61 -9.83 7.46
N HIS A 267 11.82 -9.11 6.67
CA HIS A 267 10.55 -9.64 6.20
C HIS A 267 10.78 -10.83 5.27
N MET A 268 11.72 -10.67 4.34
CA MET A 268 11.98 -11.69 3.33
C MET A 268 12.60 -12.94 3.95
N SER A 269 13.40 -12.77 5.00
CA SER A 269 13.98 -13.90 5.71
C SER A 269 12.87 -14.75 6.35
N ARG A 270 11.83 -14.09 6.85
CA ARG A 270 10.70 -14.81 7.43
C ARG A 270 9.99 -15.66 6.38
N ALA A 271 9.86 -15.13 5.17
CA ALA A 271 9.23 -15.87 4.07
C ALA A 271 10.07 -17.09 3.68
N LEU A 272 11.39 -16.93 3.67
CA LEU A 272 12.27 -18.01 3.24
C LEU A 272 12.24 -19.15 4.25
N GLY A 273 12.16 -18.81 5.53
CA GLY A 273 12.11 -19.81 6.59
C GLY A 273 10.89 -20.68 6.51
N GLN A 274 9.75 -20.08 6.14
CA GLN A 274 8.51 -20.82 5.98
C GLN A 274 8.64 -21.78 4.81
N ILE A 275 9.31 -21.33 3.74
CA ILE A 275 9.58 -22.18 2.61
C ILE A 275 10.47 -23.38 3.00
N GLU A 276 11.53 -23.13 3.76
CA GLU A 276 12.41 -24.22 4.20
C GLU A 276 11.67 -25.17 5.15
N ALA A 277 10.76 -24.64 5.95
CA ALA A 277 10.01 -25.48 6.90
C ALA A 277 9.01 -26.36 6.18
N ASP A 278 8.32 -25.80 5.19
CA ASP A 278 7.31 -26.54 4.45
C ASP A 278 7.95 -27.68 3.63
N ARG A 279 9.18 -27.49 3.17
CA ARG A 279 9.91 -28.54 2.49
C ARG A 279 10.21 -29.71 3.44
N THR A 280 10.59 -29.39 4.67
CA THR A 280 10.95 -30.42 5.65
C THR A 280 9.71 -31.11 6.21
N ILE B 5 -27.29 -6.68 22.99
CA ILE B 5 -26.73 -5.40 23.42
C ILE B 5 -26.71 -5.28 24.94
N ASP B 6 -25.51 -5.11 25.50
CA ASP B 6 -25.32 -4.98 26.94
C ASP B 6 -24.31 -3.87 27.24
N GLY B 7 -24.80 -2.78 27.83
CA GLY B 7 -23.96 -1.62 28.06
C GLY B 7 -23.60 -1.03 26.71
N PHE B 8 -22.29 -0.93 26.43
CA PHE B 8 -21.86 -0.55 25.09
C PHE B 8 -21.30 -1.76 24.33
N VAL B 9 -21.58 -2.95 24.83
CA VAL B 9 -21.12 -4.18 24.19
C VAL B 9 -22.25 -4.93 23.48
N ARG B 10 -22.09 -5.12 22.18
CA ARG B 10 -23.05 -5.89 21.38
C ARG B 10 -22.50 -7.28 21.08
N THR B 11 -23.29 -8.31 21.37
CA THR B 11 -22.89 -9.69 21.07
C THR B 11 -23.36 -10.11 19.68
N LEU B 12 -22.42 -10.27 18.75
CA LEU B 12 -22.79 -10.72 17.40
C LEU B 12 -22.77 -12.24 17.35
N ARG B 13 -21.75 -12.85 17.95
CA ARG B 13 -21.78 -14.28 18.23
C ARG B 13 -21.04 -14.57 19.52
N ALA B 14 -21.77 -15.11 20.49
CA ALA B 14 -21.22 -15.39 21.81
C ALA B 14 -20.22 -16.53 21.73
N ARG B 15 -19.15 -16.46 22.54
CA ARG B 15 -18.25 -17.58 22.65
C ARG B 15 -18.98 -18.72 23.38
N PRO B 16 -18.61 -19.97 23.07
CA PRO B 16 -19.25 -21.12 23.74
C PRO B 16 -18.92 -21.20 25.23
N GLU B 17 -19.65 -22.04 25.95
CA GLU B 17 -19.51 -22.15 27.39
C GLU B 17 -18.08 -22.53 27.81
N ALA B 18 -17.44 -23.39 27.03
CA ALA B 18 -16.05 -23.75 27.30
C ALA B 18 -15.27 -23.83 26.00
N GLY B 19 -14.02 -23.38 26.06
CA GLY B 19 -13.17 -23.39 24.89
C GLY B 19 -13.75 -22.57 23.76
N GLY B 20 -13.53 -23.03 22.54
CA GLY B 20 -13.97 -22.32 21.36
C GLY B 20 -12.82 -21.49 20.83
N LYS B 21 -13.07 -20.78 19.75
CA LYS B 21 -12.02 -19.99 19.11
C LYS B 21 -11.84 -18.63 19.79
N VAL B 22 -10.74 -17.96 19.46
CA VAL B 22 -10.48 -16.61 19.95
C VAL B 22 -11.50 -15.64 19.39
N PRO B 23 -12.15 -14.87 20.28
CA PRO B 23 -13.18 -13.93 19.81
C PRO B 23 -12.58 -12.73 19.10
N VAL B 24 -13.32 -12.22 18.11
CA VAL B 24 -12.95 -11.01 17.40
C VAL B 24 -13.71 -9.82 17.98
N PHE B 25 -12.98 -8.82 18.43
CA PHE B 25 -13.59 -7.60 18.95
C PHE B 25 -13.62 -6.54 17.88
N VAL B 26 -14.81 -6.16 17.45
CA VAL B 26 -14.96 -5.12 16.43
C VAL B 26 -15.47 -3.82 17.04
N PHE B 27 -15.13 -2.70 16.41
CA PHE B 27 -15.45 -1.40 16.94
C PHE B 27 -16.26 -0.62 15.94
N HIS B 28 -17.30 0.07 16.43
CA HIS B 28 -18.27 0.71 15.56
C HIS B 28 -17.64 1.79 14.68
N PRO B 29 -18.19 1.99 13.48
CA PRO B 29 -17.76 3.12 12.63
C PRO B 29 -18.58 4.38 12.95
N ALA B 30 -18.14 5.54 12.48
CA ALA B 30 -18.90 6.78 12.66
C ALA B 30 -20.30 6.68 12.06
N GLY B 31 -21.30 6.99 12.87
CA GLY B 31 -22.68 6.94 12.42
C GLY B 31 -23.24 5.55 12.18
N GLY B 32 -22.60 4.55 12.76
CA GLY B 32 -23.06 3.18 12.59
C GLY B 32 -22.92 2.32 13.83
N SER B 33 -23.47 1.11 13.75
CA SER B 33 -23.35 0.13 14.82
C SER B 33 -22.47 -1.02 14.35
N THR B 34 -22.09 -1.90 15.28
CA THR B 34 -21.22 -2.99 14.92
C THR B 34 -21.98 -4.09 14.17
N VAL B 35 -23.28 -3.91 14.00
CA VAL B 35 -24.06 -4.81 13.14
C VAL B 35 -23.47 -4.78 11.72
N VAL B 36 -22.76 -3.71 11.39
CA VAL B 36 -22.16 -3.56 10.06
C VAL B 36 -21.07 -4.61 9.80
N TYR B 37 -20.63 -5.31 10.83
CA TYR B 37 -19.60 -6.33 10.69
C TYR B 37 -20.14 -7.75 10.46
N GLU B 38 -21.45 -7.89 10.36
CA GLU B 38 -22.04 -9.21 10.14
C GLU B 38 -21.63 -9.86 8.82
N PRO B 39 -21.55 -9.10 7.70
CA PRO B 39 -21.00 -9.73 6.49
C PRO B 39 -19.55 -10.21 6.64
N LEU B 40 -18.74 -9.48 7.39
CA LEU B 40 -17.38 -9.94 7.67
C LEU B 40 -17.41 -11.26 8.43
N LEU B 41 -18.27 -11.34 9.45
CA LEU B 41 -18.34 -12.54 10.28
C LEU B 41 -18.64 -13.78 9.47
N GLY B 42 -19.49 -13.63 8.45
CA GLY B 42 -19.81 -14.73 7.56
C GLY B 42 -18.63 -15.18 6.69
N ARG B 43 -17.58 -14.37 6.66
CA ARG B 43 -16.40 -14.70 5.87
C ARG B 43 -15.24 -15.14 6.76
N LEU B 44 -15.53 -15.24 8.06
CA LEU B 44 -14.56 -15.71 9.04
C LEU B 44 -14.83 -17.19 9.34
N PRO B 45 -13.88 -17.89 9.99
CA PRO B 45 -14.09 -19.33 10.23
C PRO B 45 -15.36 -19.61 11.04
N ALA B 46 -15.90 -20.82 10.90
CA ALA B 46 -17.11 -21.19 11.63
C ALA B 46 -16.91 -21.11 13.14
N ASP B 47 -17.94 -20.62 13.83
CA ASP B 47 -17.95 -20.50 15.29
C ASP B 47 -16.90 -19.51 15.78
N THR B 48 -16.49 -18.59 14.92
CA THR B 48 -15.67 -17.46 15.36
C THR B 48 -16.57 -16.52 16.13
N PRO B 49 -16.31 -16.37 17.44
CA PRO B 49 -17.09 -15.44 18.24
C PRO B 49 -16.81 -14.00 17.87
N MET B 50 -17.79 -13.11 17.98
CA MET B 50 -17.56 -11.72 17.68
C MET B 50 -18.34 -10.82 18.63
N TYR B 51 -17.65 -9.83 19.19
CA TYR B 51 -18.29 -8.86 20.08
C TYR B 51 -18.00 -7.46 19.56
N GLY B 52 -19.04 -6.64 19.54
CA GLY B 52 -18.93 -5.30 18.99
C GLY B 52 -18.97 -4.23 20.06
N PHE B 53 -18.06 -3.28 19.97
CA PHE B 53 -18.03 -2.17 20.92
C PHE B 53 -18.65 -0.92 20.31
N GLU B 54 -19.73 -0.44 20.91
CA GLU B 54 -20.50 0.67 20.37
C GLU B 54 -20.05 1.98 20.96
N ARG B 55 -20.68 3.07 20.53
CA ARG B 55 -20.19 4.41 20.83
C ARG B 55 -20.16 4.75 22.32
N VAL B 56 -19.06 5.36 22.75
CA VAL B 56 -18.96 6.01 24.05
C VAL B 56 -18.39 7.40 23.83
N GLU B 57 -18.32 8.21 24.89
CA GLU B 57 -18.02 9.63 24.75
C GLU B 57 -16.54 9.93 24.91
N GLY B 58 -16.08 11.00 24.26
CA GLY B 58 -14.75 11.52 24.51
C GLY B 58 -13.82 11.50 23.32
N SER B 59 -12.58 11.89 23.56
CA SER B 59 -11.50 11.73 22.60
C SER B 59 -11.23 10.24 22.38
N ILE B 60 -10.50 9.91 21.31
CA ILE B 60 -10.17 8.52 21.01
C ILE B 60 -9.52 7.87 22.23
N GLU B 61 -8.61 8.62 22.85
CA GLU B 61 -7.91 8.19 24.05
C GLU B 61 -8.84 7.93 25.23
N GLU B 62 -9.79 8.84 25.44
CA GLU B 62 -10.76 8.70 26.51
C GLU B 62 -11.66 7.51 26.27
N ARG B 63 -11.99 7.25 25.01
CA ARG B 63 -12.85 6.13 24.65
C ARG B 63 -12.16 4.80 24.91
N ALA B 64 -10.87 4.73 24.62
CA ALA B 64 -10.11 3.50 24.84
C ALA B 64 -9.99 3.21 26.33
N GLN B 65 -9.92 4.28 27.12
CA GLN B 65 -9.87 4.16 28.57
C GLN B 65 -11.11 3.45 29.12
N GLN B 66 -12.23 3.59 28.42
CA GLN B 66 -13.46 2.89 28.80
C GLN B 66 -13.48 1.48 28.21
N TYR B 67 -13.03 1.36 26.97
CA TYR B 67 -13.05 0.10 26.27
C TYR B 67 -12.10 -0.92 26.88
N VAL B 68 -10.86 -0.51 27.17
CA VAL B 68 -9.81 -1.43 27.61
C VAL B 68 -10.18 -2.28 28.87
N PRO B 69 -10.72 -1.65 29.93
CA PRO B 69 -11.11 -2.49 31.08
C PRO B 69 -12.19 -3.51 30.75
N LYS B 70 -13.14 -3.15 29.89
CA LYS B 70 -14.18 -4.10 29.51
C LYS B 70 -13.62 -5.24 28.67
N LEU B 71 -12.67 -4.91 27.80
CA LEU B 71 -12.00 -5.93 27.00
C LEU B 71 -11.32 -6.95 27.90
N ILE B 72 -10.68 -6.45 28.96
CA ILE B 72 -9.97 -7.29 29.91
C ILE B 72 -10.92 -8.15 30.76
N GLU B 73 -12.04 -7.56 31.16
CA GLU B 73 -13.11 -8.32 31.84
C GLU B 73 -13.60 -9.49 30.97
N MET B 74 -13.56 -9.32 29.65
CA MET B 74 -14.12 -10.31 28.73
C MET B 74 -13.14 -11.39 28.26
N GLN B 75 -11.86 -11.06 28.14
CA GLN B 75 -10.90 -11.97 27.49
C GLN B 75 -9.62 -12.21 28.32
N GLY B 76 -9.52 -11.53 29.45
CA GLY B 76 -8.41 -11.74 30.38
C GLY B 76 -7.03 -11.49 29.81
N ASP B 77 -6.16 -12.50 29.88
CA ASP B 77 -4.77 -12.35 29.42
C ASP B 77 -4.67 -12.16 27.89
N GLY B 78 -5.66 -12.69 27.18
CA GLY B 78 -5.58 -12.68 25.74
C GLY B 78 -5.79 -14.09 25.25
N PRO B 79 -5.56 -14.32 23.95
CA PRO B 79 -5.01 -13.33 23.01
C PRO B 79 -6.07 -12.35 22.49
N TYR B 80 -5.65 -11.14 22.12
CA TYR B 80 -6.60 -10.12 21.65
C TYR B 80 -6.55 -9.93 20.15
N VAL B 81 -7.74 -10.01 19.54
CA VAL B 81 -7.93 -9.76 18.12
C VAL B 81 -8.87 -8.57 17.95
N LEU B 82 -8.33 -7.46 17.46
CA LEU B 82 -9.05 -6.19 17.35
C LEU B 82 -9.21 -5.75 15.90
N VAL B 83 -10.45 -5.47 15.50
CA VAL B 83 -10.77 -5.19 14.10
C VAL B 83 -11.69 -3.97 14.03
N GLY B 84 -11.45 -3.09 13.07
CA GLY B 84 -12.35 -1.96 12.88
C GLY B 84 -12.29 -1.33 11.51
N TRP B 85 -13.46 -0.98 10.99
CA TRP B 85 -13.59 -0.23 9.75
C TRP B 85 -13.76 1.25 10.04
N SER B 86 -13.08 2.08 9.24
CA SER B 86 -13.18 3.53 9.37
C SER B 86 -12.79 3.95 10.79
N LEU B 87 -13.64 4.71 11.47
CA LEU B 87 -13.38 5.11 12.85
C LEU B 87 -13.11 3.92 13.75
N GLY B 88 -13.78 2.79 13.47
CA GLY B 88 -13.61 1.58 14.25
C GLY B 88 -12.17 1.12 14.29
N GLY B 89 -11.45 1.30 13.18
CA GLY B 89 -10.05 0.95 13.10
C GLY B 89 -9.18 1.75 14.06
N VAL B 90 -9.43 3.06 14.10
CA VAL B 90 -8.71 3.94 15.01
C VAL B 90 -8.96 3.54 16.47
N LEU B 91 -10.20 3.16 16.78
CA LEU B 91 -10.58 2.75 18.13
C LEU B 91 -9.91 1.43 18.51
N ALA B 92 -9.90 0.49 17.56
CA ALA B 92 -9.25 -0.78 17.75
C ALA B 92 -7.76 -0.58 18.03
N TYR B 93 -7.14 0.33 17.28
CA TYR B 93 -5.72 0.64 17.45
C TYR B 93 -5.44 1.25 18.82
N ALA B 94 -6.27 2.21 19.22
CA ALA B 94 -6.12 2.84 20.52
C ALA B 94 -6.20 1.80 21.64
N CYS B 95 -7.10 0.84 21.48
CA CYS B 95 -7.25 -0.22 22.46
C CYS B 95 -6.02 -1.11 22.49
N ALA B 96 -5.46 -1.40 21.31
CA ALA B 96 -4.25 -2.22 21.23
C ALA B 96 -3.11 -1.60 22.04
N ILE B 97 -2.95 -0.29 21.92
CA ILE B 97 -1.93 0.41 22.69
C ILE B 97 -2.21 0.30 24.19
N GLY B 98 -3.45 0.55 24.58
CA GLY B 98 -3.85 0.45 25.97
C GLY B 98 -3.61 -0.94 26.53
N LEU B 99 -3.99 -1.95 25.75
CA LEU B 99 -3.87 -3.33 26.18
C LEU B 99 -2.41 -3.72 26.36
N ARG B 100 -1.55 -3.25 25.44
CA ARG B 100 -0.13 -3.55 25.49
C ARG B 100 0.52 -3.00 26.75
N ARG B 101 0.13 -1.79 27.16
CA ARG B 101 0.69 -1.17 28.35
C ARG B 101 0.32 -1.94 29.62
N LEU B 102 -0.78 -2.68 29.56
CA LEU B 102 -1.22 -3.49 30.69
C LEU B 102 -0.70 -4.92 30.56
N GLY B 103 0.26 -5.10 29.66
CA GLY B 103 0.95 -6.37 29.50
C GLY B 103 0.17 -7.47 28.80
N LYS B 104 -0.89 -7.10 28.11
CA LYS B 104 -1.72 -8.11 27.44
C LYS B 104 -1.16 -8.55 26.10
N ASP B 105 -1.61 -9.72 25.65
CA ASP B 105 -1.12 -10.31 24.40
C ASP B 105 -2.02 -9.95 23.22
N VAL B 106 -1.61 -8.92 22.47
CA VAL B 106 -2.35 -8.52 21.28
C VAL B 106 -1.74 -9.19 20.05
N ARG B 107 -2.53 -9.98 19.35
CA ARG B 107 -1.98 -10.79 18.27
C ARG B 107 -2.43 -10.38 16.87
N PHE B 108 -3.44 -9.54 16.80
CA PHE B 108 -3.93 -9.07 15.51
C PHE B 108 -4.71 -7.78 15.66
N VAL B 109 -4.29 -6.77 14.91
CA VAL B 109 -5.05 -5.54 14.76
C VAL B 109 -5.40 -5.37 13.30
N GLY B 110 -6.69 -5.37 13.00
CA GLY B 110 -7.14 -5.29 11.62
C GLY B 110 -7.82 -3.96 11.33
N LEU B 111 -7.16 -3.12 10.54
CA LEU B 111 -7.74 -1.85 10.14
C LEU B 111 -8.32 -2.00 8.74
N ILE B 112 -9.65 -1.93 8.65
CA ILE B 112 -10.30 -2.04 7.35
C ILE B 112 -10.48 -0.64 6.77
N ASP B 113 -9.55 -0.30 5.87
CA ASP B 113 -9.43 1.00 5.22
C ASP B 113 -9.51 2.18 6.18
N ALA B 114 -8.91 2.02 7.36
CA ALA B 114 -8.81 3.13 8.30
C ALA B 114 -7.61 3.98 7.94
N VAL B 115 -7.74 4.71 6.84
CA VAL B 115 -6.62 5.46 6.25
C VAL B 115 -6.59 6.94 6.67
N ARG B 116 -5.41 7.40 7.12
CA ARG B 116 -5.21 8.78 7.51
C ARG B 116 -5.27 9.73 6.31
N ALA B 117 -5.61 10.98 6.55
CA ALA B 117 -5.59 11.99 5.50
C ALA B 117 -4.17 12.13 4.98
N GLY B 118 -4.04 12.40 3.67
CA GLY B 118 -2.74 12.47 3.03
C GLY B 118 -1.88 13.60 3.54
N GLU B 119 -2.55 14.63 4.05
CA GLU B 119 -1.88 15.79 4.63
C GLU B 119 -2.48 16.10 6.00
N GLU B 120 -1.65 16.56 6.93
CA GLU B 120 -2.11 16.87 8.28
C GLU B 120 -3.22 17.93 8.25
N ILE B 121 -4.17 17.81 9.17
CA ILE B 121 -5.31 18.72 9.20
C ILE B 121 -5.09 19.82 10.22
N PRO B 122 -4.92 21.07 9.75
CA PRO B 122 -4.65 22.22 10.61
C PRO B 122 -5.72 22.48 11.68
N GLN B 123 -5.29 22.83 12.88
CA GLN B 123 -6.20 23.26 13.93
C GLN B 123 -6.15 24.78 13.99
N THR B 124 -6.64 25.44 12.94
CA THR B 124 -6.57 26.90 12.87
C THR B 124 -7.97 27.49 12.74
N LYS B 125 -8.09 28.79 12.98
CA LYS B 125 -9.38 29.46 12.87
C LYS B 125 -9.85 29.55 11.42
N GLU B 126 -8.92 29.80 10.50
CA GLU B 126 -9.24 29.92 9.09
C GLU B 126 -9.80 28.61 8.54
N GLU B 127 -9.28 27.49 9.01
CA GLU B 127 -9.77 26.18 8.60
C GLU B 127 -11.21 25.96 9.06
N ILE B 128 -11.54 26.47 10.24
CA ILE B 128 -12.91 26.41 10.73
C ILE B 128 -13.86 27.14 9.78
N ARG B 129 -13.48 28.34 9.35
CA ARG B 129 -14.30 29.09 8.41
C ARG B 129 -14.42 28.35 7.09
N LYS B 130 -13.28 27.85 6.60
CA LYS B 130 -13.25 27.13 5.33
C LYS B 130 -14.07 25.86 5.40
N ARG B 131 -14.06 25.20 6.55
CA ARG B 131 -14.79 23.96 6.71
C ARG B 131 -16.29 24.15 6.58
N TRP B 132 -16.81 25.18 7.24
CA TRP B 132 -18.26 25.38 7.24
C TRP B 132 -18.76 26.00 5.94
N ASP B 133 -17.95 26.82 5.30
CA ASP B 133 -18.24 27.27 3.94
C ASP B 133 -18.37 26.08 3.01
N ARG B 134 -17.44 25.13 3.16
CA ARG B 134 -17.46 23.91 2.36
C ARG B 134 -18.75 23.15 2.61
N TYR B 135 -19.15 23.07 3.88
CA TYR B 135 -20.37 22.36 4.26
C TYR B 135 -21.64 23.05 3.73
N ALA B 136 -21.66 24.38 3.73
CA ALA B 136 -22.82 25.14 3.27
C ALA B 136 -23.11 24.85 1.80
N ALA B 137 -22.06 24.84 0.99
CA ALA B 137 -22.22 24.65 -0.45
C ALA B 137 -22.74 23.26 -0.74
N PHE B 138 -22.28 22.26 0.02
CA PHE B 138 -22.74 20.89 -0.21
C PHE B 138 -24.23 20.71 0.10
N ALA B 139 -24.69 21.30 1.19
CA ALA B 139 -26.08 21.10 1.61
C ALA B 139 -27.09 21.70 0.64
N GLU B 140 -26.86 22.94 0.23
CA GLU B 140 -27.75 23.59 -0.72
C GLU B 140 -27.70 22.91 -2.09
N LYS B 141 -26.50 22.51 -2.52
CA LYS B 141 -26.32 21.89 -3.83
C LYS B 141 -26.97 20.50 -3.88
N THR B 142 -26.80 19.71 -2.82
CA THR B 142 -27.43 18.39 -2.78
C THR B 142 -28.81 18.50 -2.18
N THR B 146 -31.36 25.80 0.92
CA THR B 146 -30.77 27.13 1.13
C THR B 146 -30.32 27.31 2.58
N ILE B 147 -29.02 27.50 2.77
CA ILE B 147 -28.48 27.73 4.10
C ILE B 147 -28.37 29.23 4.40
N PRO B 148 -28.57 29.62 5.68
CA PRO B 148 -28.48 31.02 6.08
C PRO B 148 -27.04 31.44 6.34
N ALA B 149 -26.77 32.73 6.40
CA ALA B 149 -25.41 33.17 6.63
C ALA B 149 -24.95 32.77 8.03
N ILE B 150 -23.70 32.35 8.14
CA ILE B 150 -23.11 31.98 9.42
C ILE B 150 -22.08 33.01 9.87
N PRO B 151 -22.26 33.54 11.09
CA PRO B 151 -21.35 34.53 11.70
C PRO B 151 -20.02 33.90 12.12
N TYR B 152 -19.02 33.96 11.23
CA TYR B 152 -17.76 33.24 11.41
C TYR B 152 -16.97 33.63 12.68
N GLU B 153 -17.14 34.87 13.14
CA GLU B 153 -16.39 35.37 14.29
C GLU B 153 -16.68 34.60 15.58
N GLN B 154 -17.95 34.27 15.77
CA GLN B 154 -18.42 33.50 16.92
C GLN B 154 -17.96 32.05 16.80
N LEU B 155 -18.13 31.52 15.59
CA LEU B 155 -17.76 30.16 15.24
C LEU B 155 -16.29 29.79 15.53
N GLU B 156 -15.36 30.69 15.21
CA GLU B 156 -13.93 30.40 15.33
C GLU B 156 -13.50 30.10 16.77
N GLU B 157 -14.31 30.54 17.73
CA GLU B 157 -13.96 30.40 19.14
C GLU B 157 -14.46 29.10 19.76
N LEU B 158 -15.36 28.41 19.07
CA LEU B 158 -15.98 27.20 19.60
C LEU B 158 -15.16 25.97 19.26
N ASP B 159 -15.27 24.93 20.09
CA ASP B 159 -14.73 23.62 19.73
C ASP B 159 -15.68 22.95 18.75
N ASP B 160 -15.33 21.75 18.28
CA ASP B 160 -16.14 21.03 17.30
C ASP B 160 -17.58 20.86 17.78
N GLU B 161 -17.75 20.51 19.06
CA GLU B 161 -19.08 20.36 19.64
C GLU B 161 -19.87 21.66 19.59
N GLY B 162 -19.26 22.74 20.06
CA GLY B 162 -19.88 24.06 20.00
C GLY B 162 -20.20 24.49 18.57
N GLN B 163 -19.28 24.23 17.65
CA GLN B 163 -19.46 24.58 16.25
C GLN B 163 -20.72 24.00 15.62
N VAL B 164 -20.88 22.68 15.71
CA VAL B 164 -21.97 22.03 15.02
C VAL B 164 -23.32 22.39 15.66
N ARG B 165 -23.33 22.53 16.99
CA ARG B 165 -24.54 22.96 17.68
C ARG B 165 -24.94 24.38 17.25
N PHE B 166 -23.94 25.25 17.14
CA PHE B 166 -24.19 26.62 16.73
C PHE B 166 -24.74 26.69 15.30
N VAL B 167 -24.13 25.94 14.39
CA VAL B 167 -24.57 25.91 13.00
C VAL B 167 -25.96 25.30 12.88
N LEU B 168 -26.21 24.22 13.61
CA LEU B 168 -27.52 23.59 13.62
C LEU B 168 -28.60 24.56 14.07
N ASP B 169 -28.30 25.32 15.13
CA ASP B 169 -29.21 26.32 15.64
C ASP B 169 -29.54 27.38 14.57
N ALA B 170 -28.50 27.89 13.92
CA ALA B 170 -28.69 28.90 12.87
C ALA B 170 -29.55 28.38 11.72
N VAL B 171 -29.39 27.10 11.38
CA VAL B 171 -30.17 26.49 10.31
C VAL B 171 -31.63 26.37 10.69
N SER B 172 -31.89 25.83 11.88
CA SER B 172 -33.25 25.62 12.35
C SER B 172 -33.96 26.95 12.52
N GLN B 173 -33.18 27.96 12.90
CA GLN B 173 -33.66 29.33 13.02
C GLN B 173 -34.20 29.88 11.71
N SER B 174 -33.49 29.63 10.62
CA SER B 174 -33.87 30.17 9.31
C SER B 174 -35.14 29.54 8.74
N GLY B 175 -35.58 28.42 9.30
CA GLY B 175 -36.83 27.82 8.88
C GLY B 175 -36.73 26.39 8.37
N VAL B 176 -35.52 25.92 8.10
CA VAL B 176 -35.33 24.54 7.67
C VAL B 176 -35.71 23.59 8.80
N GLN B 177 -36.68 22.71 8.54
CA GLN B 177 -37.17 21.78 9.56
C GLN B 177 -36.75 20.34 9.31
N ILE B 178 -35.74 19.90 10.05
CA ILE B 178 -35.22 18.53 9.95
C ILE B 178 -35.53 17.83 11.26
N PRO B 179 -36.12 16.63 11.19
CA PRO B 179 -36.53 15.90 12.40
C PRO B 179 -35.37 15.65 13.37
N ALA B 180 -35.64 15.84 14.66
CA ALA B 180 -34.64 15.83 15.72
C ALA B 180 -33.77 14.56 15.74
N GLY B 181 -34.39 13.41 15.51
CA GLY B 181 -33.66 12.15 15.56
C GLY B 181 -32.63 12.03 14.46
N ILE B 182 -32.94 12.59 13.31
CA ILE B 182 -32.01 12.62 12.18
C ILE B 182 -30.91 13.64 12.44
N ILE B 183 -31.29 14.82 12.92
CA ILE B 183 -30.33 15.85 13.27
C ILE B 183 -29.30 15.30 14.26
N GLU B 184 -29.78 14.67 15.32
CA GLU B 184 -28.90 14.12 16.35
C GLU B 184 -27.97 13.02 15.82
N HIS B 185 -28.48 12.19 14.92
CA HIS B 185 -27.67 11.13 14.34
C HIS B 185 -26.57 11.71 13.45
N GLN B 186 -26.91 12.77 12.71
CA GLN B 186 -25.92 13.43 11.86
C GLN B 186 -24.89 14.18 12.69
N ARG B 187 -25.34 14.78 13.79
CA ARG B 187 -24.46 15.50 14.71
C ARG B 187 -23.37 14.57 15.28
N THR B 188 -23.77 13.40 15.77
CA THR B 188 -22.81 12.48 16.38
C THR B 188 -21.90 11.84 15.32
N SER B 189 -22.46 11.59 14.14
CA SER B 189 -21.69 11.06 13.02
C SER B 189 -20.57 12.04 12.66
N TYR B 190 -20.91 13.32 12.59
CA TYR B 190 -19.93 14.35 12.31
C TYR B 190 -18.82 14.40 13.35
N LEU B 191 -19.20 14.49 14.62
CA LEU B 191 -18.23 14.62 15.70
C LEU B 191 -17.34 13.39 15.83
N ASP B 192 -17.90 12.20 15.67
CA ASP B 192 -17.11 10.98 15.75
C ASP B 192 -16.05 10.96 14.64
N ASN B 193 -16.45 11.37 13.44
CA ASN B 193 -15.52 11.50 12.33
C ASN B 193 -14.44 12.55 12.58
N ARG B 194 -14.83 13.67 13.17
CA ARG B 194 -13.87 14.74 13.50
C ARG B 194 -12.87 14.27 14.55
N ALA B 195 -13.32 13.33 15.39
CA ALA B 195 -12.45 12.77 16.41
C ALA B 195 -11.23 12.10 15.77
N ILE B 196 -11.44 11.53 14.59
CA ILE B 196 -10.37 10.95 13.80
C ILE B 196 -9.41 12.04 13.36
N ASP B 197 -9.98 13.09 12.76
CA ASP B 197 -9.22 14.23 12.25
C ASP B 197 -8.30 14.84 13.32
N THR B 198 -8.75 14.80 14.58
CA THR B 198 -8.02 15.41 15.67
C THR B 198 -7.23 14.39 16.50
N ALA B 199 -7.24 13.14 16.06
CA ALA B 199 -6.60 12.07 16.82
C ALA B 199 -5.08 12.18 16.87
N GLN B 200 -4.51 12.07 18.07
CA GLN B 200 -3.06 12.03 18.22
C GLN B 200 -2.59 10.59 18.36
N ILE B 201 -2.08 10.02 17.26
CA ILE B 201 -1.70 8.62 17.19
C ILE B 201 -0.41 8.31 17.94
N GLN B 202 -0.42 7.24 18.72
CA GLN B 202 0.76 6.81 19.46
C GLN B 202 1.35 5.57 18.80
N PRO B 203 2.64 5.30 19.05
CA PRO B 203 3.28 4.15 18.41
C PRO B 203 2.84 2.82 19.03
N TYR B 204 2.81 1.78 18.20
CA TYR B 204 2.39 0.45 18.61
C TYR B 204 3.41 -0.55 18.08
N ASP B 205 3.85 -1.47 18.95
CA ASP B 205 4.99 -2.32 18.62
C ASP B 205 4.60 -3.73 18.17
N GLY B 206 3.32 -3.93 17.86
CA GLY B 206 2.85 -5.21 17.37
C GLY B 206 2.50 -5.19 15.88
N HIS B 207 2.01 -6.30 15.37
CA HIS B 207 1.66 -6.43 13.96
C HIS B 207 0.31 -5.81 13.65
N VAL B 208 0.29 -4.92 12.65
CA VAL B 208 -0.95 -4.32 12.19
C VAL B 208 -1.21 -4.67 10.72
N THR B 209 -2.42 -5.13 10.43
CA THR B 209 -2.83 -5.39 9.06
C THR B 209 -3.78 -4.30 8.58
N LEU B 210 -3.38 -3.59 7.52
CA LEU B 210 -4.22 -2.53 6.96
C LEU B 210 -4.79 -2.97 5.62
N TYR B 211 -6.09 -3.21 5.58
CA TYR B 211 -6.76 -3.53 4.31
C TYR B 211 -7.06 -2.23 3.60
N MET B 212 -6.44 -2.03 2.44
CA MET B 212 -6.44 -0.72 1.82
C MET B 212 -7.23 -0.68 0.51
N ALA B 213 -8.27 0.14 0.49
CA ALA B 213 -9.04 0.36 -0.72
C ALA B 213 -8.30 1.36 -1.59
N ASP B 214 -8.86 1.64 -2.77
CA ASP B 214 -8.23 2.54 -3.72
C ASP B 214 -8.30 4.00 -3.30
N ARG B 215 -9.45 4.40 -2.77
CA ARG B 215 -9.71 5.82 -2.52
C ARG B 215 -10.86 5.98 -1.54
N TYR B 216 -10.93 7.15 -0.90
CA TYR B 216 -12.14 7.52 -0.18
C TYR B 216 -13.23 7.92 -1.15
N HIS B 217 -14.48 7.75 -0.75
CA HIS B 217 -15.60 8.16 -1.58
C HIS B 217 -15.74 9.67 -1.51
N ASP B 218 -16.55 10.24 -2.39
CA ASP B 218 -16.63 11.70 -2.54
C ASP B 218 -17.18 12.42 -1.31
N ASP B 219 -18.14 11.79 -0.62
CA ASP B 219 -18.70 12.40 0.57
C ASP B 219 -17.65 12.60 1.66
N ALA B 220 -16.72 11.67 1.78
CA ALA B 220 -15.63 11.82 2.74
C ALA B 220 -14.74 12.96 2.29
N ILE B 221 -14.43 12.98 1.01
CA ILE B 221 -13.55 13.99 0.44
C ILE B 221 -14.18 15.38 0.52
N MET B 222 -15.48 15.47 0.24
CA MET B 222 -16.17 16.75 0.33
C MET B 222 -16.13 17.28 1.76
N PHE B 223 -16.23 16.39 2.74
CA PHE B 223 -16.17 16.79 4.13
C PHE B 223 -14.75 17.17 4.57
N GLU B 224 -13.76 16.40 4.12
CA GLU B 224 -12.35 16.70 4.39
C GLU B 224 -11.49 16.31 3.19
N PRO B 225 -11.20 17.28 2.32
CA PRO B 225 -10.49 17.14 1.05
C PRO B 225 -9.09 16.55 1.18
N ARG B 226 -8.46 16.65 2.34
CA ARG B 226 -7.12 16.10 2.51
C ARG B 226 -7.14 14.57 2.46
N TYR B 227 -8.33 13.98 2.48
CA TYR B 227 -8.47 12.54 2.32
C TYR B 227 -8.49 12.15 0.85
N ALA B 228 -8.38 13.14 -0.03
CA ALA B 228 -8.33 12.86 -1.47
C ALA B 228 -7.00 12.22 -1.84
N VAL B 229 -6.05 12.29 -0.91
CA VAL B 229 -4.71 11.78 -1.13
C VAL B 229 -4.40 10.66 -0.14
N ARG B 230 -3.88 9.55 -0.65
CA ARG B 230 -3.45 8.47 0.23
C ARG B 230 -1.96 8.17 0.07
N GLN B 231 -1.28 8.01 1.19
CA GLN B 231 0.08 7.51 1.20
C GLN B 231 0.04 5.99 1.17
N PRO B 232 1.13 5.34 0.69
CA PRO B 232 1.20 3.88 0.60
C PRO B 232 0.96 3.16 1.92
N ASP B 233 1.49 3.73 3.01
CA ASP B 233 1.33 3.18 4.34
C ASP B 233 0.02 3.61 5.01
N GLY B 234 -0.80 4.37 4.29
CA GLY B 234 -2.05 4.88 4.84
C GLY B 234 -1.85 5.84 6.00
N GLY B 235 -0.61 6.30 6.15
CA GLY B 235 -0.25 7.22 7.20
C GLY B 235 0.12 6.56 8.52
N TRP B 236 0.29 5.24 8.50
CA TRP B 236 0.55 4.50 9.73
C TRP B 236 2.02 4.09 9.89
N GLY B 237 2.76 4.17 8.79
CA GLY B 237 4.16 3.74 8.77
C GLY B 237 5.03 4.31 9.87
N GLU B 238 4.85 5.58 10.21
CA GLU B 238 5.66 6.22 11.23
C GLU B 238 5.42 5.64 12.63
N TYR B 239 4.24 5.06 12.85
CA TYR B 239 3.87 4.54 14.16
C TYR B 239 3.96 3.02 14.27
N VAL B 240 3.86 2.33 13.14
CA VAL B 240 3.84 0.88 13.14
C VAL B 240 4.98 0.34 12.29
N SER B 241 6.00 -0.21 12.94
CA SER B 241 7.13 -0.79 12.22
C SER B 241 6.70 -2.08 11.54
N ASP B 242 5.94 -2.90 12.25
CA ASP B 242 5.47 -4.16 11.70
C ASP B 242 4.11 -3.95 11.04
N LEU B 243 4.13 -3.35 9.86
CA LEU B 243 2.90 -2.98 9.16
C LEU B 243 2.77 -3.77 7.85
N GLU B 244 1.64 -4.44 7.69
CA GLU B 244 1.31 -5.17 6.48
C GLU B 244 0.12 -4.50 5.81
N VAL B 245 0.22 -4.28 4.51
CA VAL B 245 -0.87 -3.67 3.76
C VAL B 245 -1.45 -4.67 2.77
N VAL B 246 -2.76 -4.85 2.83
CA VAL B 246 -3.45 -5.76 1.92
C VAL B 246 -4.40 -4.95 1.05
N PRO B 247 -4.00 -4.73 -0.21
CA PRO B 247 -4.85 -3.97 -1.13
C PRO B 247 -6.15 -4.70 -1.43
N ILE B 248 -7.27 -3.99 -1.41
CA ILE B 248 -8.58 -4.63 -1.61
C ILE B 248 -9.37 -3.95 -2.73
N GLY B 249 -8.84 -2.83 -3.21
CA GLY B 249 -9.48 -2.06 -4.27
C GLY B 249 -10.76 -1.37 -3.84
N GLY B 250 -11.46 -0.80 -4.82
CA GLY B 250 -12.73 -0.13 -4.58
C GLY B 250 -12.66 1.12 -3.72
N GLU B 251 -13.81 1.56 -3.23
CA GLU B 251 -13.91 2.77 -2.41
C GLU B 251 -14.05 2.43 -0.93
N HIS B 252 -13.77 3.41 -0.07
CA HIS B 252 -13.85 3.23 1.38
C HIS B 252 -15.18 2.67 1.86
N ILE B 253 -16.26 3.20 1.29
CA ILE B 253 -17.61 2.86 1.75
C ILE B 253 -17.96 1.43 1.36
N GLN B 254 -17.34 0.93 0.30
CA GLN B 254 -17.61 -0.43 -0.17
C GLN B 254 -16.81 -1.48 0.59
N ALA B 255 -15.77 -1.06 1.31
CA ALA B 255 -14.80 -1.99 1.87
C ALA B 255 -15.40 -2.93 2.91
N ILE B 256 -16.50 -2.52 3.54
CA ILE B 256 -17.08 -3.29 4.64
C ILE B 256 -18.16 -4.26 4.15
N ASP B 257 -18.58 -4.12 2.90
CA ASP B 257 -19.64 -4.96 2.34
C ASP B 257 -19.13 -5.88 1.23
N GLU B 258 -19.97 -6.83 0.85
CA GLU B 258 -19.74 -7.67 -0.32
C GLU B 258 -19.67 -6.83 -1.58
N PRO B 259 -18.86 -7.26 -2.57
CA PRO B 259 -18.04 -8.48 -2.54
C PRO B 259 -16.65 -8.26 -1.93
N ILE B 260 -16.29 -7.00 -1.69
CA ILE B 260 -14.95 -6.66 -1.21
C ILE B 260 -14.60 -7.27 0.15
N ILE B 261 -15.59 -7.40 1.04
CA ILE B 261 -15.34 -7.94 2.37
C ILE B 261 -14.89 -9.40 2.32
N ALA B 262 -15.21 -10.10 1.24
CA ALA B 262 -14.76 -11.49 1.08
C ALA B 262 -13.24 -11.57 0.97
N LYS B 263 -12.67 -10.59 0.27
CA LYS B 263 -11.22 -10.51 0.14
C LYS B 263 -10.60 -10.31 1.52
N VAL B 264 -11.16 -9.38 2.29
CA VAL B 264 -10.72 -9.14 3.66
C VAL B 264 -10.87 -10.40 4.50
N GLY B 265 -12.05 -11.01 4.41
CA GLY B 265 -12.35 -12.21 5.16
C GLY B 265 -11.44 -13.38 4.84
N GLU B 266 -11.12 -13.57 3.56
CA GLU B 266 -10.26 -14.68 3.17
C GLU B 266 -8.90 -14.50 3.83
N HIS B 267 -8.38 -13.28 3.78
CA HIS B 267 -7.08 -12.98 4.39
C HIS B 267 -7.12 -13.09 5.91
N MET B 268 -8.16 -12.53 6.52
CA MET B 268 -8.25 -12.47 7.98
C MET B 268 -8.44 -13.86 8.57
N SER B 269 -9.13 -14.73 7.84
CA SER B 269 -9.34 -16.11 8.28
C SER B 269 -8.04 -16.88 8.38
N ARG B 270 -7.13 -16.66 7.44
CA ARG B 270 -5.82 -17.31 7.48
C ARG B 270 -5.05 -16.86 8.71
N ALA B 271 -5.15 -15.57 9.04
CA ALA B 271 -4.47 -15.02 10.20
C ALA B 271 -5.02 -15.65 11.49
N LEU B 272 -6.33 -15.84 11.54
CA LEU B 272 -6.97 -16.41 12.72
C LEU B 272 -6.62 -17.88 12.90
N GLY B 273 -6.49 -18.60 11.79
CA GLY B 273 -6.13 -20.00 11.81
C GLY B 273 -4.76 -20.24 12.39
N GLN B 274 -3.82 -19.34 12.07
CA GLN B 274 -2.47 -19.42 12.61
C GLN B 274 -2.45 -19.16 14.10
N ILE B 275 -3.26 -18.18 14.53
CA ILE B 275 -3.42 -17.89 15.95
C ILE B 275 -4.00 -19.08 16.71
N GLU B 276 -5.02 -19.72 16.15
CA GLU B 276 -5.63 -20.89 16.78
C GLU B 276 -4.63 -22.04 16.85
N ALA B 277 -3.76 -22.11 15.85
CA ALA B 277 -2.77 -23.17 15.76
C ALA B 277 -1.70 -23.01 16.85
N ASP B 278 -1.30 -21.75 17.08
CA ASP B 278 -0.29 -21.42 18.06
C ASP B 278 -0.76 -21.76 19.48
N ARG B 279 -2.07 -21.70 19.68
CA ARG B 279 -2.70 -22.04 20.95
C ARG B 279 -2.48 -23.50 21.34
#